data_4E84
#
_entry.id   4E84
#
_cell.length_a   90.398
_cell.length_b   90.398
_cell.length_c   397.917
_cell.angle_alpha   90.00
_cell.angle_beta   90.00
_cell.angle_gamma   120.00
#
_symmetry.space_group_name_H-M   'P 61 2 2'
#
loop_
_entity.id
_entity.type
_entity.pdbx_description
1 polymer 'D-beta-D-heptose 7-phosphate kinase'
2 non-polymer 'PHOSPHOAMINOPHOSPHONIC ACID-ADENYLATE ESTER'
3 non-polymer 7-O-phosphono-D-glycero-beta-D-manno-heptopyranose
4 non-polymer 'POTASSIUM ION'
5 non-polymer 'CHLORIDE ION'
6 non-polymer 'PHOSPHATE ION'
7 non-polymer 'MAGNESIUM ION'
8 non-polymer 1,7-di-O-phosphono-D-glycero-beta-D-manno-heptopyranose
9 water water
#
_entity_poly.entity_id   1
_entity_poly.type   'polypeptide(L)'
_entity_poly.pdbx_seq_one_letter_code
;(MSE)SYYHHHHHHLESTSLYKKAGLDYDIPTTENLYFQG(MSE)NTLREVVPVPREQLARSRVLVVGDV(MSE)LDRYW
FGNVDRISPEAPVPVVHVQRQEERLGGAANVARNAVTLGGQAGLLCVVGCDEPGERIVELLGSSGVTPHLERDPALPTTI
KLRVLARQQQLLRVDFEA(MSE)PTHEVLLAGLARFDVLLPQHDVVL(MSE)SDYAKGGLTHVTT(MSE)IEKARAAGKA
VLVDPKGDDWARYRGASLITPNRAELREVVGQWKSEDDLRARVANLRAELDIDALLLTRSEEG(MSE)TLFSAGGELHAP
ALAREVFDVSGAGDTVIATVAT(MSE)LGAGVPLVDAVVLANRAAGIVVGKLGTATVDYDELFH
;
_entity_poly.pdbx_strand_id   A,B
#
# COMPACT_ATOMS: atom_id res chain seq x y z
N LEU A 40 -49.15 -10.22 -8.84
CA LEU A 40 -48.89 -11.66 -8.88
C LEU A 40 -47.60 -12.03 -8.15
N ARG A 41 -47.65 -13.14 -7.43
CA ARG A 41 -46.49 -13.63 -6.70
C ARG A 41 -45.46 -14.23 -7.65
N GLU A 42 -44.26 -13.66 -7.66
CA GLU A 42 -43.19 -14.17 -8.51
C GLU A 42 -42.38 -15.24 -7.78
N VAL A 43 -42.10 -14.99 -6.49
CA VAL A 43 -41.34 -15.91 -5.66
C VAL A 43 -41.85 -15.87 -4.21
N VAL A 44 -42.00 -17.04 -3.61
CA VAL A 44 -42.44 -17.15 -2.22
C VAL A 44 -41.46 -16.48 -1.24
N PRO A 45 -41.99 -15.58 -0.39
CA PRO A 45 -41.19 -15.02 0.71
C PRO A 45 -40.74 -16.13 1.64
N VAL A 46 -39.44 -16.41 1.66
CA VAL A 46 -38.90 -17.54 2.41
C VAL A 46 -38.91 -17.30 3.92
N PRO A 47 -39.54 -18.21 4.68
CA PRO A 47 -39.51 -18.20 6.14
C PRO A 47 -38.09 -18.15 6.70
N ARG A 48 -37.90 -17.41 7.78
CA ARG A 48 -36.58 -17.16 8.32
C ARG A 48 -35.93 -18.41 8.93
N GLU A 49 -36.74 -19.26 9.55
CA GLU A 49 -36.23 -20.47 10.18
C GLU A 49 -36.00 -21.57 9.15
N GLN A 50 -36.53 -21.37 7.94
CA GLN A 50 -36.28 -22.29 6.84
C GLN A 50 -34.86 -22.10 6.33
N LEU A 51 -34.44 -20.83 6.24
CA LEU A 51 -33.09 -20.49 5.86
C LEU A 51 -32.10 -20.89 6.95
N ALA A 52 -32.57 -20.90 8.20
CA ALA A 52 -31.72 -21.23 9.34
C ALA A 52 -31.22 -22.67 9.26
N ARG A 53 -31.96 -23.51 8.55
CA ARG A 53 -31.59 -24.92 8.39
C ARG A 53 -30.67 -25.13 7.20
N SER A 54 -30.47 -24.07 6.41
CA SER A 54 -29.60 -24.13 5.24
C SER A 54 -28.13 -24.03 5.66
N ARG A 55 -27.38 -25.10 5.41
CA ARG A 55 -25.96 -25.14 5.77
C ARG A 55 -25.09 -25.15 4.53
N VAL A 56 -24.51 -24.00 4.20
CA VAL A 56 -23.65 -23.87 3.02
C VAL A 56 -22.19 -24.00 3.39
N LEU A 57 -21.48 -24.90 2.68
CA LEU A 57 -20.05 -25.09 2.90
C LEU A 57 -19.24 -24.37 1.83
N VAL A 58 -18.76 -23.18 2.16
CA VAL A 58 -17.95 -22.41 1.22
C VAL A 58 -16.49 -22.85 1.28
N VAL A 59 -15.97 -23.30 0.14
CA VAL A 59 -14.56 -23.64 0.03
C VAL A 59 -13.94 -22.86 -1.13
N GLY A 60 -12.85 -22.16 -0.85
CA GLY A 60 -12.16 -21.42 -1.89
C GLY A 60 -11.14 -20.41 -1.38
N ASP A 61 -10.82 -19.45 -2.24
CA ASP A 61 -9.78 -18.47 -1.95
C ASP A 61 -10.31 -17.28 -1.15
N VAL A 62 -9.83 -17.16 0.09
CA VAL A 62 -10.25 -16.09 0.98
C VAL A 62 -9.24 -14.95 0.97
N LEU A 64 -8.46 -10.43 2.01
CA LEU A 64 -8.77 -9.27 2.85
C LEU A 64 -8.86 -8.04 1.95
N ASP A 65 -10.02 -7.40 1.95
CA ASP A 65 -10.20 -6.18 1.17
C ASP A 65 -9.89 -4.94 1.99
N ARG A 66 -8.69 -4.42 1.85
CA ARG A 66 -8.25 -3.26 2.60
C ARG A 66 -8.35 -2.00 1.75
N TYR A 67 -8.81 -0.92 2.36
CA TYR A 67 -9.02 0.34 1.65
C TYR A 67 -8.22 1.46 2.28
N TRP A 68 -7.55 2.24 1.44
CA TRP A 68 -6.80 3.41 1.91
C TRP A 68 -7.39 4.68 1.30
N PHE A 69 -8.04 5.48 2.15
CA PHE A 69 -8.61 6.76 1.71
C PHE A 69 -7.66 7.89 2.05
N GLY A 70 -7.12 8.56 1.04
CA GLY A 70 -6.15 9.60 1.26
C GLY A 70 -6.39 10.88 0.46
N ASN A 71 -5.48 11.82 0.61
CA ASN A 71 -5.55 13.08 -0.13
C ASN A 71 -4.41 13.19 -1.13
N VAL A 72 -4.71 13.70 -2.31
CA VAL A 72 -3.68 14.00 -3.30
C VAL A 72 -3.57 15.51 -3.48
N ASP A 73 -2.45 16.07 -3.06
CA ASP A 73 -2.25 17.51 -3.09
C ASP A 73 -1.10 17.91 -4.00
N ARG A 74 -0.31 16.93 -4.43
CA ARG A 74 0.88 17.22 -5.22
C ARG A 74 1.27 16.07 -6.13
N ILE A 75 2.13 16.35 -7.10
CA ILE A 75 2.71 15.29 -7.92
C ILE A 75 3.93 14.76 -7.18
N SER A 76 4.39 13.57 -7.56
CA SER A 76 5.59 13.02 -6.94
C SER A 76 6.82 13.78 -7.43
N PRO A 77 7.75 14.08 -6.49
CA PRO A 77 8.99 14.75 -6.85
C PRO A 77 9.96 13.79 -7.54
N GLU A 78 9.58 12.52 -7.63
CA GLU A 78 10.44 11.49 -8.16
C GLU A 78 9.93 10.91 -9.49
N ALA A 79 8.63 11.11 -9.75
CA ALA A 79 7.99 10.52 -10.91
C ALA A 79 6.72 11.29 -11.28
N PRO A 80 6.31 11.23 -12.56
CA PRO A 80 5.06 11.90 -12.96
C PRO A 80 3.82 11.18 -12.47
N VAL A 81 3.78 10.86 -11.18
CA VAL A 81 2.66 10.13 -10.58
C VAL A 81 2.17 10.86 -9.34
N PRO A 82 0.92 10.60 -8.92
CA PRO A 82 0.39 11.32 -7.75
C PRO A 82 1.04 10.88 -6.44
N VAL A 83 0.92 11.71 -5.42
CA VAL A 83 1.29 11.34 -4.06
C VAL A 83 0.04 11.32 -3.19
N VAL A 84 -0.21 10.19 -2.55
CA VAL A 84 -1.40 10.04 -1.72
C VAL A 84 -1.05 10.03 -0.25
N HIS A 85 -1.55 11.02 0.48
CA HIS A 85 -1.41 11.05 1.92
C HIS A 85 -2.62 10.37 2.56
N VAL A 86 -2.48 9.10 2.91
CA VAL A 86 -3.58 8.33 3.45
C VAL A 86 -4.05 8.85 4.80
N GLN A 87 -5.36 9.06 4.92
CA GLN A 87 -5.95 9.58 6.15
C GLN A 87 -6.76 8.51 6.90
N ARG A 88 -7.25 7.51 6.18
CA ARG A 88 -8.10 6.49 6.78
C ARG A 88 -7.93 5.12 6.14
N GLN A 89 -8.00 4.08 6.96
CA GLN A 89 -7.95 2.70 6.47
C GLN A 89 -9.19 1.92 6.88
N GLU A 90 -9.73 1.12 5.97
CA GLU A 90 -10.83 0.22 6.28
C GLU A 90 -10.59 -1.17 5.71
N GLU A 91 -11.15 -2.17 6.39
CA GLU A 91 -10.96 -3.57 6.01
C GLU A 91 -12.28 -4.34 5.97
N ARG A 92 -12.42 -5.23 5.00
CA ARG A 92 -13.61 -6.06 4.86
C ARG A 92 -13.25 -7.45 4.34
N LEU A 93 -14.01 -8.45 4.77
CA LEU A 93 -13.85 -9.82 4.28
C LEU A 93 -14.13 -9.87 2.78
N GLY A 94 -13.25 -10.54 2.04
CA GLY A 94 -13.41 -10.64 0.60
C GLY A 94 -13.19 -12.04 0.07
N GLY A 95 -13.44 -12.23 -1.21
CA GLY A 95 -13.26 -13.53 -1.84
C GLY A 95 -14.27 -14.54 -1.33
N ALA A 96 -13.79 -15.76 -1.08
CA ALA A 96 -14.64 -16.82 -0.56
C ALA A 96 -15.23 -16.44 0.81
N ALA A 97 -14.53 -15.56 1.53
CA ALA A 97 -15.00 -15.10 2.83
C ALA A 97 -16.22 -14.19 2.67
N ASN A 98 -16.19 -13.31 1.67
CA ASN A 98 -17.31 -12.43 1.40
C ASN A 98 -18.57 -13.22 1.06
N VAL A 99 -18.39 -14.31 0.31
CA VAL A 99 -19.48 -15.17 -0.09
C VAL A 99 -20.11 -15.81 1.15
N ALA A 100 -19.26 -16.29 2.04
CA ALA A 100 -19.70 -16.94 3.27
C ALA A 100 -20.48 -15.98 4.17
N ARG A 101 -20.02 -14.73 4.23
CA ARG A 101 -20.69 -13.73 5.06
C ARG A 101 -22.03 -13.32 4.47
N ASN A 102 -22.13 -13.33 3.15
CA ASN A 102 -23.39 -13.07 2.48
C ASN A 102 -24.42 -14.15 2.81
N ALA A 103 -23.91 -15.37 2.98
CA ALA A 103 -24.75 -16.51 3.31
C ALA A 103 -25.37 -16.37 4.70
N VAL A 104 -24.61 -15.75 5.60
CA VAL A 104 -25.02 -15.63 6.99
C VAL A 104 -25.99 -14.46 7.20
N THR A 105 -25.69 -13.33 6.58
CA THR A 105 -26.58 -12.16 6.69
C THR A 105 -27.97 -12.47 6.14
N LEU A 106 -28.03 -13.27 5.08
CA LEU A 106 -29.31 -13.68 4.49
C LEU A 106 -30.15 -14.53 5.45
N GLY A 107 -29.50 -15.14 6.43
CA GLY A 107 -30.20 -15.92 7.43
C GLY A 107 -29.82 -17.38 7.45
N GLY A 108 -28.92 -17.76 6.55
CA GLY A 108 -28.44 -19.13 6.48
C GLY A 108 -27.20 -19.35 7.32
N GLN A 109 -26.71 -20.59 7.33
CA GLN A 109 -25.47 -20.92 8.02
C GLN A 109 -24.36 -21.16 7.00
N ALA A 110 -23.15 -20.78 7.35
CA ALA A 110 -22.03 -20.91 6.42
C ALA A 110 -20.78 -21.47 7.09
N GLY A 111 -20.13 -22.42 6.42
CA GLY A 111 -18.84 -22.93 6.84
C GLY A 111 -17.79 -22.51 5.82
N LEU A 112 -16.58 -22.20 6.29
CA LEU A 112 -15.55 -21.69 5.40
C LEU A 112 -14.23 -22.45 5.49
N LEU A 113 -14.00 -23.31 4.51
CA LEU A 113 -12.73 -24.03 4.41
C LEU A 113 -11.79 -23.29 3.47
N CYS A 114 -10.71 -22.74 4.02
CA CYS A 114 -9.81 -21.92 3.22
C CYS A 114 -8.37 -21.95 3.75
N VAL A 115 -7.47 -21.35 2.98
CA VAL A 115 -6.07 -21.28 3.37
C VAL A 115 -5.67 -19.85 3.70
N VAL A 116 -5.16 -19.65 4.91
CA VAL A 116 -4.76 -18.31 5.36
C VAL A 116 -3.34 -18.34 5.91
N GLY A 117 -2.55 -17.33 5.56
CA GLY A 117 -1.16 -17.24 5.98
C GLY A 117 -0.98 -16.84 7.44
N CYS A 118 0.26 -16.89 7.91
CA CYS A 118 0.59 -16.50 9.27
C CYS A 118 1.15 -15.08 9.31
N ASP A 119 0.27 -14.10 9.15
CA ASP A 119 0.68 -12.70 9.11
C ASP A 119 -0.42 -11.77 9.60
N GLU A 120 -0.17 -10.47 9.53
CA GLU A 120 -1.15 -9.47 9.92
C GLU A 120 -2.45 -9.53 9.11
N PRO A 121 -2.36 -9.58 7.76
CA PRO A 121 -3.63 -9.66 7.02
C PRO A 121 -4.39 -10.93 7.35
N GLY A 122 -3.66 -12.02 7.59
CA GLY A 122 -4.27 -13.28 7.94
C GLY A 122 -5.00 -13.22 9.27
N GLU A 123 -4.34 -12.67 10.28
CA GLU A 123 -4.94 -12.56 11.61
C GLU A 123 -6.17 -11.67 11.60
N ARG A 124 -6.19 -10.70 10.69
CA ARG A 124 -7.35 -9.82 10.55
C ARG A 124 -8.55 -10.59 10.00
N ILE A 125 -8.30 -11.50 9.07
CA ILE A 125 -9.36 -12.33 8.53
C ILE A 125 -9.93 -13.21 9.64
N VAL A 126 -9.03 -13.83 10.40
CA VAL A 126 -9.42 -14.62 11.57
C VAL A 126 -10.22 -13.77 12.53
N GLU A 127 -9.76 -12.55 12.76
CA GLU A 127 -10.41 -11.61 13.66
C GLU A 127 -11.76 -11.15 13.12
N LEU A 128 -11.87 -11.02 11.81
CA LEU A 128 -13.10 -10.57 11.18
C LEU A 128 -14.13 -11.69 11.08
N LEU A 129 -13.66 -12.92 10.90
CA LEU A 129 -14.54 -14.08 10.85
C LEU A 129 -15.17 -14.35 12.21
N GLY A 130 -14.53 -13.85 13.26
CA GLY A 130 -15.01 -14.04 14.62
C GLY A 130 -16.35 -13.40 14.88
N SER A 131 -16.63 -12.29 14.20
CA SER A 131 -17.90 -11.58 14.37
C SER A 131 -18.69 -11.56 13.07
N SER A 132 -18.45 -12.54 12.21
CA SER A 132 -19.13 -12.61 10.92
C SER A 132 -20.35 -13.53 10.98
N GLY A 133 -20.32 -14.47 11.91
CA GLY A 133 -21.37 -15.48 12.00
C GLY A 133 -20.99 -16.71 11.21
N VAL A 134 -19.85 -16.64 10.53
CA VAL A 134 -19.36 -17.74 9.73
C VAL A 134 -18.50 -18.68 10.58
N THR A 135 -18.73 -19.98 10.42
CA THR A 135 -17.92 -20.98 11.11
C THR A 135 -16.60 -21.17 10.38
N PRO A 136 -15.49 -20.79 11.02
CA PRO A 136 -14.16 -20.84 10.40
C PRO A 136 -13.51 -22.23 10.42
N HIS A 137 -13.03 -22.67 9.27
CA HIS A 137 -12.27 -23.91 9.16
C HIS A 137 -11.00 -23.59 8.39
N LEU A 138 -10.07 -22.92 9.06
CA LEU A 138 -8.92 -22.32 8.39
C LEU A 138 -7.66 -23.18 8.45
N GLU A 139 -7.07 -23.41 7.29
CA GLU A 139 -5.81 -24.14 7.19
C GLU A 139 -4.67 -23.13 7.09
N ARG A 140 -3.67 -23.29 7.96
CA ARG A 140 -2.58 -22.33 8.06
C ARG A 140 -1.40 -22.69 7.16
N ASP A 141 -0.88 -21.69 6.45
CA ASP A 141 0.33 -21.85 5.64
C ASP A 141 1.30 -20.73 5.97
N PRO A 142 2.40 -21.06 6.66
CA PRO A 142 3.38 -20.07 7.13
C PRO A 142 4.16 -19.43 5.97
N ALA A 143 4.33 -20.17 4.88
CA ALA A 143 5.09 -19.66 3.73
C ALA A 143 4.20 -18.83 2.82
N LEU A 144 2.90 -18.85 3.09
CA LEU A 144 1.94 -18.16 2.23
C LEU A 144 1.61 -16.76 2.72
N PRO A 145 1.78 -15.76 1.85
CA PRO A 145 1.25 -14.43 2.14
C PRO A 145 -0.26 -14.44 1.97
N THR A 146 -1.00 -14.04 2.99
CA THR A 146 -2.45 -14.02 2.93
C THR A 146 -2.89 -13.09 1.81
N THR A 147 -3.76 -13.58 0.94
CA THR A 147 -4.21 -12.79 -0.19
C THR A 147 -4.91 -11.52 0.30
N ILE A 148 -4.48 -10.38 -0.22
CA ILE A 148 -5.03 -9.10 0.19
C ILE A 148 -5.11 -8.12 -0.98
N LYS A 149 -6.29 -7.57 -1.19
CA LYS A 149 -6.53 -6.60 -2.26
C LYS A 149 -6.54 -5.20 -1.66
N LEU A 150 -5.52 -4.42 -1.97
CA LEU A 150 -5.35 -3.10 -1.39
C LEU A 150 -5.73 -2.01 -2.39
N ARG A 151 -6.80 -1.30 -2.08
CA ARG A 151 -7.31 -0.26 -2.97
C ARG A 151 -7.02 1.14 -2.42
N VAL A 152 -6.27 1.92 -3.17
CA VAL A 152 -5.88 3.26 -2.74
C VAL A 152 -6.79 4.32 -3.38
N LEU A 153 -7.48 5.08 -2.54
CA LEU A 153 -8.44 6.08 -3.03
C LEU A 153 -8.09 7.51 -2.65
N ALA A 154 -8.59 8.44 -3.45
CA ALA A 154 -8.45 9.87 -3.19
C ALA A 154 -9.57 10.62 -3.90
N ARG A 155 -10.27 11.48 -3.16
CA ARG A 155 -11.41 12.24 -3.68
C ARG A 155 -12.50 11.34 -4.26
N GLN A 156 -12.88 10.32 -3.50
CA GLN A 156 -13.87 9.33 -3.92
C GLN A 156 -13.51 8.69 -5.26
N GLN A 157 -12.22 8.57 -5.52
CA GLN A 157 -11.73 8.05 -6.79
C GLN A 157 -10.58 7.08 -6.58
N GLN A 158 -10.72 5.87 -7.11
CA GLN A 158 -9.67 4.85 -6.98
C GLN A 158 -8.50 5.20 -7.89
N LEU A 159 -7.29 5.04 -7.37
CA LEU A 159 -6.08 5.40 -8.10
C LEU A 159 -5.28 4.18 -8.52
N LEU A 160 -5.36 3.11 -7.72
CA LEU A 160 -4.59 1.92 -7.95
C LEU A 160 -5.07 0.80 -7.05
N ARG A 161 -4.95 -0.44 -7.50
CA ARG A 161 -5.17 -1.58 -6.63
C ARG A 161 -3.88 -2.40 -6.50
N VAL A 162 -3.49 -2.65 -5.27
CA VAL A 162 -2.25 -3.37 -4.99
C VAL A 162 -2.58 -4.78 -4.46
N ASP A 163 -2.03 -5.79 -5.11
CA ASP A 163 -2.35 -7.17 -4.79
C ASP A 163 -1.16 -7.94 -4.22
N PHE A 164 -1.41 -8.66 -3.12
CA PHE A 164 -0.44 -9.60 -2.58
C PHE A 164 -1.07 -10.98 -2.55
N GLU A 165 -0.47 -11.93 -3.25
CA GLU A 165 -1.03 -13.28 -3.32
C GLU A 165 0.01 -14.29 -3.82
N ALA A 166 -0.14 -15.53 -3.36
CA ALA A 166 0.75 -16.61 -3.82
C ALA A 166 0.05 -17.97 -3.74
N PRO A 168 -0.57 -21.65 -2.22
CA PRO A 168 -0.40 -22.49 -1.03
C PRO A 168 0.39 -23.75 -1.38
N THR A 169 1.05 -24.34 -0.40
CA THR A 169 1.85 -25.54 -0.65
C THR A 169 0.98 -26.79 -0.74
N HIS A 170 1.49 -27.79 -1.44
CA HIS A 170 0.78 -29.05 -1.65
C HIS A 170 0.40 -29.68 -0.31
N GLU A 171 1.31 -29.60 0.65
CA GLU A 171 1.12 -30.20 1.97
C GLU A 171 -0.08 -29.60 2.70
N VAL A 172 -0.18 -28.27 2.66
CA VAL A 172 -1.28 -27.58 3.31
C VAL A 172 -2.59 -27.86 2.59
N LEU A 173 -2.52 -27.96 1.26
CA LEU A 173 -3.71 -28.24 0.45
C LEU A 173 -4.25 -29.66 0.70
N LEU A 174 -3.35 -30.62 0.91
CA LEU A 174 -3.75 -31.98 1.23
C LEU A 174 -4.38 -32.05 2.62
N ALA A 175 -3.82 -31.27 3.54
CA ALA A 175 -4.33 -31.22 4.91
C ALA A 175 -5.75 -30.66 4.95
N GLY A 176 -5.99 -29.64 4.14
CA GLY A 176 -7.32 -29.04 4.04
C GLY A 176 -8.26 -29.94 3.26
N LEU A 177 -7.69 -30.73 2.37
CA LEU A 177 -8.47 -31.66 1.55
C LEU A 177 -9.08 -32.76 2.42
N ALA A 178 -8.32 -33.23 3.41
CA ALA A 178 -8.78 -34.27 4.32
C ALA A 178 -9.80 -33.70 5.30
N ARG A 179 -9.62 -32.42 5.65
CA ARG A 179 -10.53 -31.74 6.56
C ARG A 179 -11.89 -31.51 5.89
N PHE A 180 -11.89 -31.52 4.57
CA PHE A 180 -13.13 -31.37 3.78
C PHE A 180 -14.07 -32.55 4.01
N ASP A 181 -13.50 -33.73 4.19
CA ASP A 181 -14.29 -34.94 4.42
C ASP A 181 -15.10 -34.83 5.70
N VAL A 182 -14.51 -34.21 6.72
CA VAL A 182 -15.15 -34.05 8.01
C VAL A 182 -16.32 -33.05 7.93
N LEU A 183 -16.17 -32.06 7.05
CA LEU A 183 -17.16 -30.98 6.95
C LEU A 183 -18.33 -31.32 6.03
N LEU A 184 -18.09 -32.20 5.05
CA LEU A 184 -19.09 -32.53 4.04
C LEU A 184 -20.45 -33.01 4.58
N PRO A 185 -20.47 -34.00 5.48
CA PRO A 185 -21.79 -34.44 5.96
C PRO A 185 -22.44 -33.42 6.89
N GLN A 186 -21.70 -32.38 7.26
CA GLN A 186 -22.22 -31.35 8.16
C GLN A 186 -22.91 -30.23 7.39
N HIS A 187 -22.88 -30.30 6.06
CA HIS A 187 -23.46 -29.24 5.25
C HIS A 187 -24.34 -29.76 4.11
N ASP A 188 -25.28 -28.92 3.67
CA ASP A 188 -26.23 -29.29 2.62
C ASP A 188 -25.65 -29.05 1.23
N VAL A 189 -25.28 -27.82 0.94
CA VAL A 189 -24.71 -27.49 -0.37
C VAL A 189 -23.24 -27.10 -0.25
N VAL A 190 -22.49 -27.30 -1.33
CA VAL A 190 -21.07 -26.98 -1.34
C VAL A 190 -20.78 -25.92 -2.40
N LEU A 191 -20.29 -24.76 -1.94
CA LEU A 191 -19.99 -23.65 -2.84
C LEU A 191 -18.49 -23.53 -3.09
N SER A 193 -15.75 -21.49 -4.38
CA SER A 193 -15.42 -20.13 -4.75
C SER A 193 -13.99 -20.03 -5.26
N ASP A 194 -13.81 -20.20 -6.57
CA ASP A 194 -12.49 -20.19 -7.19
C ASP A 194 -12.06 -18.79 -7.62
N TYR A 195 -10.88 -18.38 -7.18
CA TYR A 195 -10.29 -17.12 -7.62
C TYR A 195 -8.88 -17.35 -8.17
N ALA A 196 -8.57 -18.61 -8.48
CA ALA A 196 -7.28 -19.01 -9.03
C ALA A 196 -6.09 -18.59 -8.18
N LYS A 197 -6.29 -18.51 -6.87
CA LYS A 197 -5.21 -18.18 -5.95
C LYS A 197 -4.58 -19.45 -5.40
N GLY A 198 -4.96 -20.59 -5.98
CA GLY A 198 -4.36 -21.87 -5.64
C GLY A 198 -5.13 -22.71 -4.63
N GLY A 199 -6.05 -22.07 -3.92
CA GLY A 199 -6.80 -22.75 -2.87
C GLY A 199 -7.65 -23.90 -3.37
N LEU A 200 -8.00 -23.85 -4.65
CA LEU A 200 -8.78 -24.93 -5.26
C LEU A 200 -7.95 -25.65 -6.33
N THR A 201 -7.00 -26.45 -5.88
CA THR A 201 -6.20 -27.25 -6.80
C THR A 201 -6.85 -28.61 -6.92
N HIS A 202 -7.57 -29.00 -5.87
CA HIS A 202 -8.24 -30.30 -5.84
C HIS A 202 -9.76 -30.15 -5.90
N VAL A 203 -10.24 -29.33 -6.83
CA VAL A 203 -11.68 -29.12 -6.98
C VAL A 203 -12.37 -30.38 -7.47
N THR A 204 -11.76 -31.02 -8.46
CA THR A 204 -12.33 -32.21 -9.10
C THR A 204 -12.62 -33.30 -8.07
N THR A 205 -11.63 -33.56 -7.22
CA THR A 205 -11.75 -34.60 -6.20
C THR A 205 -12.87 -34.28 -5.22
N ILE A 207 -15.50 -32.26 -5.75
CA ILE A 207 -16.79 -32.25 -6.43
C ILE A 207 -17.38 -33.67 -6.45
N GLU A 208 -16.53 -34.65 -6.73
CA GLU A 208 -16.94 -36.05 -6.74
C GLU A 208 -17.45 -36.48 -5.37
N LYS A 209 -16.65 -36.23 -4.35
CA LYS A 209 -17.00 -36.58 -2.98
C LYS A 209 -18.31 -35.94 -2.55
N ALA A 210 -18.53 -34.71 -2.98
CA ALA A 210 -19.76 -33.99 -2.66
C ALA A 210 -20.95 -34.53 -3.45
N ARG A 211 -20.72 -34.83 -4.72
CA ARG A 211 -21.77 -35.39 -5.57
C ARG A 211 -22.12 -36.82 -5.16
N ALA A 212 -21.09 -37.60 -4.83
CA ALA A 212 -21.30 -38.98 -4.41
C ALA A 212 -22.03 -39.04 -3.07
N ALA A 213 -21.90 -37.97 -2.29
CA ALA A 213 -22.61 -37.87 -1.01
C ALA A 213 -24.00 -37.29 -1.22
N GLY A 214 -24.34 -37.02 -2.47
CA GLY A 214 -25.66 -36.54 -2.83
C GLY A 214 -25.86 -35.05 -2.57
N LYS A 215 -24.75 -34.32 -2.49
CA LYS A 215 -24.82 -32.88 -2.24
C LYS A 215 -24.68 -32.09 -3.53
N ALA A 216 -25.35 -30.94 -3.58
CA ALA A 216 -25.25 -30.06 -4.74
C ALA A 216 -23.94 -29.29 -4.70
N VAL A 217 -23.33 -29.09 -5.87
CA VAL A 217 -22.07 -28.37 -5.96
C VAL A 217 -22.18 -27.14 -6.85
N LEU A 218 -22.01 -25.97 -6.24
CA LEU A 218 -22.05 -24.72 -6.98
C LEU A 218 -20.63 -24.20 -7.17
N VAL A 219 -20.31 -23.73 -8.37
CA VAL A 219 -18.96 -23.31 -8.69
C VAL A 219 -18.88 -21.89 -9.25
N ASP A 220 -18.08 -21.05 -8.59
CA ASP A 220 -17.71 -19.76 -9.16
C ASP A 220 -16.38 -19.96 -9.88
N PRO A 221 -16.42 -19.96 -11.22
CA PRO A 221 -15.30 -20.40 -12.05
C PRO A 221 -14.15 -19.40 -12.19
N LYS A 222 -13.02 -19.90 -12.65
CA LYS A 222 -11.83 -19.09 -12.92
C LYS A 222 -10.88 -19.89 -13.80
N GLY A 223 -10.29 -19.22 -14.80
CA GLY A 223 -9.36 -19.88 -15.70
C GLY A 223 -10.03 -20.25 -17.01
N ASP A 224 -9.47 -21.25 -17.70
CA ASP A 224 -10.00 -21.66 -18.99
C ASP A 224 -10.17 -23.17 -19.12
N ASP A 225 -9.75 -23.90 -18.10
CA ASP A 225 -9.80 -25.37 -18.14
C ASP A 225 -11.25 -25.81 -18.00
N TRP A 226 -11.79 -25.66 -16.79
CA TRP A 226 -13.18 -26.01 -16.48
C TRP A 226 -13.48 -27.50 -16.62
N ALA A 227 -12.44 -28.32 -16.80
CA ALA A 227 -12.62 -29.76 -16.87
C ALA A 227 -12.52 -30.20 -15.41
N ARG A 228 -11.94 -29.34 -14.59
CA ARG A 228 -11.82 -29.58 -13.17
C ARG A 228 -13.18 -29.44 -12.51
N TYR A 229 -14.06 -28.69 -13.17
CA TYR A 229 -15.40 -28.41 -12.64
C TYR A 229 -16.40 -29.48 -13.09
N ARG A 230 -15.89 -30.57 -13.65
CA ARG A 230 -16.75 -31.63 -14.17
C ARG A 230 -17.64 -32.25 -13.09
N GLY A 231 -18.93 -32.31 -13.38
CA GLY A 231 -19.89 -32.89 -12.46
C GLY A 231 -20.51 -31.89 -11.52
N ALA A 232 -20.29 -30.61 -11.78
CA ALA A 232 -20.85 -29.56 -10.95
C ALA A 232 -22.35 -29.40 -11.18
N SER A 233 -23.09 -29.15 -10.11
CA SER A 233 -24.52 -28.96 -10.20
C SER A 233 -24.83 -27.67 -10.96
N LEU A 234 -24.30 -26.57 -10.45
CA LEU A 234 -24.49 -25.26 -11.09
C LEU A 234 -23.16 -24.51 -11.17
N ILE A 235 -22.92 -23.86 -12.30
CA ILE A 235 -21.73 -23.04 -12.44
C ILE A 235 -22.15 -21.59 -12.73
N THR A 236 -21.46 -20.63 -12.13
CA THR A 236 -21.89 -19.23 -12.19
C THR A 236 -20.82 -18.27 -12.69
N PRO A 237 -20.54 -18.29 -14.00
CA PRO A 237 -19.53 -17.38 -14.55
C PRO A 237 -20.11 -16.02 -14.93
N ASN A 238 -19.30 -14.97 -14.85
CA ASN A 238 -19.70 -13.71 -15.46
C ASN A 238 -19.41 -13.78 -16.95
N ARG A 239 -19.69 -12.70 -17.67
CA ARG A 239 -19.51 -12.71 -19.11
C ARG A 239 -18.07 -13.00 -19.51
N ALA A 240 -17.13 -12.37 -18.82
CA ALA A 240 -15.71 -12.55 -19.13
C ALA A 240 -15.22 -13.98 -18.84
N GLU A 241 -15.68 -14.56 -17.74
CA GLU A 241 -15.30 -15.92 -17.36
C GLU A 241 -15.82 -16.94 -18.37
N LEU A 242 -17.01 -16.72 -18.89
CA LEU A 242 -17.58 -17.60 -19.90
C LEU A 242 -16.96 -17.33 -21.26
N ARG A 243 -16.67 -16.06 -21.53
CA ARG A 243 -16.08 -15.63 -22.79
C ARG A 243 -14.70 -16.26 -22.98
N GLU A 244 -14.09 -16.69 -21.88
CA GLU A 244 -12.76 -17.26 -21.91
C GLU A 244 -12.76 -18.74 -22.30
N VAL A 245 -13.85 -19.43 -22.01
CA VAL A 245 -13.93 -20.87 -22.26
C VAL A 245 -14.65 -21.27 -23.55
N VAL A 246 -15.54 -20.42 -24.04
CA VAL A 246 -16.29 -20.71 -25.26
C VAL A 246 -16.12 -19.64 -26.33
N GLY A 247 -15.35 -18.62 -26.03
CA GLY A 247 -15.15 -17.52 -26.96
C GLY A 247 -16.34 -16.59 -27.02
N GLN A 248 -16.22 -15.54 -27.83
CA GLN A 248 -17.28 -14.56 -27.94
C GLN A 248 -18.45 -15.07 -28.77
N TRP A 249 -19.64 -15.06 -28.16
CA TRP A 249 -20.86 -15.45 -28.87
C TRP A 249 -21.35 -14.29 -29.74
N LYS A 250 -21.79 -14.62 -30.95
CA LYS A 250 -22.19 -13.61 -31.92
C LYS A 250 -23.66 -13.23 -31.80
N SER A 251 -24.46 -14.12 -31.25
CA SER A 251 -25.88 -13.86 -31.04
C SER A 251 -26.35 -14.54 -29.76
N GLU A 252 -27.62 -14.35 -29.43
CA GLU A 252 -28.19 -14.98 -28.25
C GLU A 252 -28.36 -16.47 -28.49
N ASP A 253 -28.70 -16.84 -29.72
CA ASP A 253 -28.83 -18.24 -30.10
C ASP A 253 -27.46 -18.92 -30.13
N ASP A 254 -26.44 -18.17 -30.53
CA ASP A 254 -25.08 -18.68 -30.53
C ASP A 254 -24.65 -18.97 -29.10
N LEU A 255 -25.04 -18.10 -28.17
CA LEU A 255 -24.73 -18.28 -26.75
C LEU A 255 -25.36 -19.55 -26.20
N ARG A 256 -26.65 -19.73 -26.47
CA ARG A 256 -27.39 -20.91 -26.01
C ARG A 256 -26.75 -22.20 -26.53
N ALA A 257 -26.25 -22.15 -27.76
CA ALA A 257 -25.61 -23.29 -28.37
C ALA A 257 -24.33 -23.66 -27.63
N ARG A 258 -23.50 -22.66 -27.36
CA ARG A 258 -22.22 -22.89 -26.70
C ARG A 258 -22.41 -23.34 -25.25
N VAL A 259 -23.38 -22.75 -24.57
CA VAL A 259 -23.67 -23.12 -23.19
C VAL A 259 -24.20 -24.54 -23.10
N ALA A 260 -25.16 -24.86 -23.96
CA ALA A 260 -25.72 -26.21 -24.02
C ALA A 260 -24.63 -27.22 -24.33
N ASN A 261 -23.72 -26.84 -25.23
CA ASN A 261 -22.58 -27.68 -25.57
C ASN A 261 -21.67 -27.88 -24.37
N LEU A 262 -21.36 -26.79 -23.67
CA LEU A 262 -20.49 -26.82 -22.50
C LEU A 262 -21.07 -27.73 -21.43
N ARG A 263 -22.34 -27.52 -21.10
CA ARG A 263 -23.02 -28.28 -20.06
C ARG A 263 -22.97 -29.78 -20.31
N ALA A 264 -23.24 -30.17 -21.56
CA ALA A 264 -23.19 -31.58 -21.94
C ALA A 264 -21.77 -32.10 -21.87
N GLU A 265 -20.82 -31.32 -22.37
CA GLU A 265 -19.43 -31.75 -22.46
C GLU A 265 -18.77 -31.82 -21.09
N LEU A 266 -19.34 -31.10 -20.12
CA LEU A 266 -18.74 -31.02 -18.79
C LEU A 266 -19.61 -31.65 -17.69
N ASP A 267 -20.71 -32.29 -18.09
CA ASP A 267 -21.65 -32.91 -17.16
C ASP A 267 -22.16 -31.95 -16.08
N ILE A 268 -22.45 -30.72 -16.48
CA ILE A 268 -22.97 -29.71 -15.57
C ILE A 268 -24.45 -29.44 -15.86
N ASP A 269 -25.29 -29.66 -14.85
CA ASP A 269 -26.74 -29.52 -14.99
C ASP A 269 -27.17 -28.15 -15.48
N ALA A 270 -26.75 -27.11 -14.77
CA ALA A 270 -27.15 -25.76 -15.10
C ALA A 270 -25.97 -24.78 -15.11
N LEU A 271 -26.07 -23.76 -15.97
CA LEU A 271 -25.10 -22.68 -16.00
C LEU A 271 -25.81 -21.36 -15.78
N LEU A 272 -25.26 -20.55 -14.88
CA LEU A 272 -25.85 -19.27 -14.54
C LEU A 272 -24.92 -18.14 -14.94
N LEU A 273 -25.27 -17.42 -16.01
CA LEU A 273 -24.42 -16.36 -16.53
C LEU A 273 -24.85 -14.99 -16.03
N THR A 274 -24.03 -14.38 -15.19
CA THR A 274 -24.26 -13.00 -14.75
C THR A 274 -23.72 -12.05 -15.80
N ARG A 275 -24.50 -11.05 -16.16
CA ARG A 275 -24.17 -10.18 -17.29
C ARG A 275 -24.19 -8.70 -16.90
N SER A 276 -23.78 -8.40 -15.68
CA SER A 276 -23.72 -7.02 -15.20
C SER A 276 -25.05 -6.28 -15.30
N GLU A 277 -25.06 -5.20 -16.07
CA GLU A 277 -26.26 -4.38 -16.22
C GLU A 277 -27.34 -5.06 -17.06
N GLU A 278 -26.99 -6.16 -17.69
CA GLU A 278 -27.95 -6.96 -18.45
C GLU A 278 -28.73 -7.87 -17.51
N GLY A 279 -28.23 -8.01 -16.29
CA GLY A 279 -28.83 -8.90 -15.32
C GLY A 279 -28.15 -10.25 -15.33
N THR A 281 -28.72 -14.72 -16.80
CA THR A 281 -29.49 -15.73 -17.51
C THR A 281 -29.16 -17.14 -17.02
N LEU A 282 -30.18 -17.86 -16.57
CA LEU A 282 -30.02 -19.24 -16.13
C LEU A 282 -30.24 -20.19 -17.31
N PHE A 283 -29.31 -21.12 -17.48
CA PHE A 283 -29.41 -22.12 -18.55
C PHE A 283 -29.49 -23.51 -17.97
N SER A 284 -30.52 -24.25 -18.33
CA SER A 284 -30.68 -25.62 -17.87
C SER A 284 -31.41 -26.46 -18.92
N ALA A 285 -31.59 -27.74 -18.61
CA ALA A 285 -32.34 -28.63 -19.49
C ALA A 285 -33.80 -28.21 -19.55
N GLY A 286 -34.27 -27.58 -18.49
CA GLY A 286 -35.64 -27.10 -18.41
C GLY A 286 -35.88 -25.77 -19.08
N GLY A 287 -34.83 -25.21 -19.70
CA GLY A 287 -34.97 -23.98 -20.44
C GLY A 287 -34.16 -22.82 -19.90
N GLU A 288 -34.44 -21.63 -20.42
CA GLU A 288 -33.70 -20.43 -20.05
C GLU A 288 -34.54 -19.47 -19.20
N LEU A 289 -33.89 -18.75 -18.30
CA LEU A 289 -34.54 -17.71 -17.54
C LEU A 289 -33.67 -16.46 -17.53
N HIS A 290 -34.18 -15.38 -18.10
CA HIS A 290 -33.45 -14.12 -18.10
C HIS A 290 -34.04 -13.12 -17.11
N ALA A 291 -33.23 -12.74 -16.12
CA ALA A 291 -33.64 -11.71 -15.18
C ALA A 291 -32.83 -10.45 -15.44
N PRO A 292 -33.54 -9.33 -15.69
CA PRO A 292 -32.86 -8.06 -15.95
C PRO A 292 -32.33 -7.43 -14.66
N ALA A 293 -31.38 -6.52 -14.79
CA ALA A 293 -30.82 -5.80 -13.63
C ALA A 293 -31.92 -4.98 -12.96
N LEU A 294 -31.92 -4.98 -11.63
CA LEU A 294 -33.01 -4.36 -10.88
C LEU A 294 -32.57 -3.11 -10.11
N ALA A 295 -31.26 -2.96 -9.92
CA ALA A 295 -30.71 -1.84 -9.16
C ALA A 295 -31.07 -0.48 -9.76
N ARG A 296 -31.74 0.36 -8.99
CA ARG A 296 -32.02 1.72 -9.44
C ARG A 296 -30.86 2.65 -9.08
N GLU A 297 -30.04 2.23 -8.14
CA GLU A 297 -28.85 2.98 -7.76
C GLU A 297 -27.61 2.08 -7.81
N VAL A 298 -26.70 2.41 -8.72
CA VAL A 298 -25.47 1.64 -8.86
C VAL A 298 -24.30 2.43 -8.30
N PHE A 299 -23.87 2.08 -7.09
CA PHE A 299 -22.77 2.78 -6.44
C PHE A 299 -21.46 2.01 -6.57
N ASP A 300 -21.46 0.76 -6.11
CA ASP A 300 -20.26 -0.06 -6.16
C ASP A 300 -20.66 -1.51 -6.46
N VAL A 301 -20.05 -2.07 -7.49
CA VAL A 301 -20.43 -3.37 -8.02
C VAL A 301 -19.54 -4.50 -7.49
N SER A 302 -18.34 -4.13 -7.03
CA SER A 302 -17.34 -5.08 -6.54
C SER A 302 -17.89 -6.19 -5.65
N GLY A 303 -17.85 -7.42 -6.15
CA GLY A 303 -18.30 -8.57 -5.38
C GLY A 303 -19.77 -8.91 -5.57
N ALA A 304 -20.37 -8.41 -6.64
CA ALA A 304 -21.78 -8.68 -6.91
C ALA A 304 -22.02 -10.16 -7.21
N GLY A 305 -21.09 -10.77 -7.94
CA GLY A 305 -21.15 -12.19 -8.24
C GLY A 305 -21.05 -13.05 -7.00
N ASP A 306 -20.39 -12.53 -5.96
CA ASP A 306 -20.29 -13.23 -4.69
C ASP A 306 -21.67 -13.33 -4.05
N THR A 307 -22.35 -12.19 -3.98
CA THR A 307 -23.71 -12.12 -3.44
C THR A 307 -24.64 -13.05 -4.22
N VAL A 308 -24.47 -13.08 -5.53
CA VAL A 308 -25.27 -13.91 -6.42
C VAL A 308 -25.18 -15.41 -6.07
N ILE A 309 -23.98 -15.97 -6.12
CA ILE A 309 -23.81 -17.40 -5.88
C ILE A 309 -24.10 -17.76 -4.42
N ALA A 310 -23.88 -16.81 -3.52
CA ALA A 310 -24.18 -17.01 -2.11
C ALA A 310 -25.68 -17.19 -1.91
N THR A 311 -26.47 -16.27 -2.47
CA THR A 311 -27.93 -16.34 -2.37
C THR A 311 -28.46 -17.66 -2.92
N VAL A 312 -28.08 -17.99 -4.15
CA VAL A 312 -28.48 -19.25 -4.77
C VAL A 312 -28.19 -20.44 -3.87
N ALA A 313 -26.98 -20.46 -3.29
CA ALA A 313 -26.55 -21.54 -2.42
C ALA A 313 -27.44 -21.72 -1.19
N THR A 314 -27.67 -20.63 -0.47
CA THR A 314 -28.47 -20.70 0.76
C THR A 314 -29.94 -21.00 0.47
N LEU A 316 -31.02 -22.80 -2.14
CA LEU A 316 -31.04 -24.22 -2.48
C LEU A 316 -30.98 -25.09 -1.22
N GLY A 317 -30.15 -24.67 -0.27
CA GLY A 317 -30.01 -25.40 0.98
C GLY A 317 -31.25 -25.27 1.87
N ALA A 318 -32.04 -24.24 1.61
CA ALA A 318 -33.27 -24.02 2.36
C ALA A 318 -34.47 -24.67 1.67
N GLY A 319 -34.19 -25.44 0.63
CA GLY A 319 -35.23 -26.16 -0.08
C GLY A 319 -35.88 -25.38 -1.21
N VAL A 320 -35.47 -24.12 -1.35
CA VAL A 320 -36.01 -23.26 -2.41
C VAL A 320 -35.57 -23.79 -3.78
N PRO A 321 -36.53 -23.96 -4.70
CA PRO A 321 -36.24 -24.43 -6.06
C PRO A 321 -35.28 -23.50 -6.81
N LEU A 322 -34.49 -24.07 -7.71
CA LEU A 322 -33.42 -23.35 -8.40
C LEU A 322 -33.88 -22.07 -9.10
N VAL A 323 -35.02 -22.14 -9.76
CA VAL A 323 -35.54 -21.00 -10.50
C VAL A 323 -35.83 -19.83 -9.59
N ASP A 324 -36.45 -20.11 -8.45
CA ASP A 324 -36.77 -19.07 -7.48
C ASP A 324 -35.51 -18.53 -6.82
N ALA A 325 -34.51 -19.40 -6.67
CA ALA A 325 -33.23 -19.01 -6.09
C ALA A 325 -32.55 -17.95 -6.94
N VAL A 326 -32.53 -18.18 -8.25
CA VAL A 326 -31.94 -17.24 -9.18
C VAL A 326 -32.65 -15.89 -9.14
N VAL A 327 -33.98 -15.92 -9.08
CA VAL A 327 -34.78 -14.71 -8.98
C VAL A 327 -34.40 -13.92 -7.73
N LEU A 328 -34.28 -14.62 -6.61
CA LEU A 328 -33.88 -13.99 -5.35
C LEU A 328 -32.44 -13.49 -5.40
N ALA A 329 -31.59 -14.24 -6.09
CA ALA A 329 -30.18 -13.86 -6.25
C ALA A 329 -30.06 -12.57 -7.04
N ASN A 330 -30.89 -12.44 -8.07
CA ASN A 330 -30.89 -11.24 -8.89
C ASN A 330 -31.41 -10.04 -8.11
N ARG A 331 -32.30 -10.30 -7.17
CA ARG A 331 -32.84 -9.26 -6.31
C ARG A 331 -31.77 -8.82 -5.33
N ALA A 332 -31.04 -9.80 -4.78
CA ALA A 332 -29.97 -9.53 -3.83
C ALA A 332 -28.84 -8.75 -4.48
N ALA A 333 -28.46 -9.16 -5.69
CA ALA A 333 -27.40 -8.48 -6.43
C ALA A 333 -27.76 -7.03 -6.68
N GLY A 334 -29.02 -6.78 -7.03
CA GLY A 334 -29.51 -5.44 -7.28
C GLY A 334 -29.45 -4.58 -6.03
N ILE A 335 -29.63 -5.21 -4.87
CA ILE A 335 -29.57 -4.50 -3.61
C ILE A 335 -28.12 -4.20 -3.20
N VAL A 336 -27.27 -5.22 -3.28
CA VAL A 336 -25.89 -5.12 -2.82
C VAL A 336 -25.09 -4.17 -3.70
N VAL A 337 -25.55 -3.95 -4.93
CA VAL A 337 -24.90 -3.04 -5.85
C VAL A 337 -25.06 -1.59 -5.39
N GLY A 338 -26.17 -1.29 -4.73
CA GLY A 338 -26.42 0.03 -4.19
C GLY A 338 -25.67 0.35 -2.91
N LYS A 339 -24.83 -0.57 -2.46
CA LYS A 339 -24.02 -0.36 -1.26
C LYS A 339 -22.54 -0.20 -1.59
N LEU A 340 -21.81 0.45 -0.70
CA LEU A 340 -20.39 0.72 -0.91
C LEU A 340 -19.50 -0.43 -0.45
N GLY A 341 -18.45 -0.70 -1.22
CA GLY A 341 -17.50 -1.75 -0.89
C GLY A 341 -18.08 -3.15 -1.02
N THR A 342 -17.31 -4.13 -0.60
CA THR A 342 -17.78 -5.52 -0.60
C THR A 342 -18.80 -5.71 0.51
N ALA A 343 -20.04 -5.37 0.22
CA ALA A 343 -21.09 -5.40 1.24
C ALA A 343 -21.87 -6.70 1.23
N THR A 344 -22.83 -6.80 2.15
CA THR A 344 -23.68 -7.96 2.24
C THR A 344 -25.13 -7.52 2.21
N VAL A 345 -26.01 -8.45 1.85
CA VAL A 345 -27.44 -8.18 1.89
C VAL A 345 -28.10 -9.13 2.89
N ASP A 346 -28.81 -8.57 3.86
CA ASP A 346 -29.47 -9.37 4.88
C ASP A 346 -30.97 -9.58 4.62
N TYR A 347 -31.49 -10.69 5.15
CA TYR A 347 -32.88 -11.12 4.99
C TYR A 347 -33.87 -9.97 5.01
N ASP A 348 -33.69 -9.08 5.99
CA ASP A 348 -34.61 -7.98 6.24
C ASP A 348 -34.73 -7.04 5.04
N GLU A 349 -33.75 -7.11 4.14
CA GLU A 349 -33.77 -6.27 2.95
C GLU A 349 -34.35 -6.99 1.75
N LEU A 350 -33.94 -8.24 1.59
CA LEU A 350 -34.36 -9.05 0.46
C LEU A 350 -35.87 -9.35 0.45
N PHE A 351 -36.44 -9.54 1.63
CA PHE A 351 -37.83 -9.94 1.75
C PHE A 351 -38.69 -8.87 2.43
N HIS A 352 -38.06 -7.96 3.17
CA HIS A 352 -38.75 -7.04 4.09
C HIS A 352 -39.49 -7.80 5.21
N VAL B 43 40.46 21.07 -3.89
CA VAL B 43 40.24 20.70 -2.50
C VAL B 43 41.33 19.74 -2.02
N VAL B 44 41.62 19.79 -0.71
CA VAL B 44 42.64 18.93 -0.11
C VAL B 44 42.00 17.64 0.40
N PRO B 45 42.60 16.48 0.06
CA PRO B 45 42.12 15.18 0.53
C PRO B 45 42.05 15.10 2.04
N VAL B 46 40.95 14.59 2.57
CA VAL B 46 40.71 14.63 4.01
C VAL B 46 41.02 13.29 4.68
N PRO B 47 41.89 13.31 5.71
CA PRO B 47 42.24 12.12 6.49
C PRO B 47 41.02 11.47 7.13
N ARG B 48 40.96 10.15 7.05
CA ARG B 48 39.83 9.40 7.59
C ARG B 48 39.73 9.54 9.11
N GLU B 49 40.88 9.69 9.76
CA GLU B 49 40.93 9.81 11.21
C GLU B 49 40.44 11.20 11.63
N GLN B 50 40.56 12.16 10.73
CA GLN B 50 40.07 13.51 10.98
C GLN B 50 38.55 13.51 10.90
N LEU B 51 38.02 12.76 9.94
CA LEU B 51 36.58 12.58 9.80
C LEU B 51 36.01 11.85 11.01
N ALA B 52 36.83 11.00 11.60
CA ALA B 52 36.41 10.16 12.71
C ALA B 52 36.00 10.98 13.93
N ARG B 53 36.56 12.18 14.05
CA ARG B 53 36.25 13.04 15.19
C ARG B 53 35.21 14.10 14.84
N SER B 54 34.51 13.89 13.72
CA SER B 54 33.41 14.76 13.33
C SER B 54 32.10 14.26 13.93
N ARG B 55 31.56 15.01 14.88
CA ARG B 55 30.35 14.61 15.59
C ARG B 55 29.16 15.46 15.17
N VAL B 56 28.28 14.86 14.37
CA VAL B 56 27.11 15.56 13.86
C VAL B 56 25.83 15.11 14.54
N LEU B 57 25.10 16.06 15.11
CA LEU B 57 23.79 15.76 15.71
C LEU B 57 22.68 16.07 14.73
N VAL B 58 22.08 15.03 14.17
CA VAL B 58 20.98 15.21 13.23
C VAL B 58 19.64 15.20 13.97
N VAL B 59 18.92 16.31 13.88
CA VAL B 59 17.59 16.38 14.47
C VAL B 59 16.56 16.76 13.42
N GLY B 60 15.53 15.93 13.29
CA GLY B 60 14.47 16.20 12.34
C GLY B 60 13.52 15.05 12.11
N ASP B 61 12.89 15.07 10.95
CA ASP B 61 11.85 14.11 10.60
C ASP B 61 12.41 12.82 10.00
N VAL B 62 12.37 11.75 10.77
CA VAL B 62 12.80 10.45 10.30
C VAL B 62 11.66 9.78 9.54
N LEU B 64 10.61 6.04 6.80
CA LEU B 64 10.99 4.76 6.21
C LEU B 64 10.64 4.71 4.73
N ASP B 65 11.65 4.57 3.88
CA ASP B 65 11.44 4.44 2.44
C ASP B 65 11.20 2.97 2.08
N ARG B 66 9.95 2.65 1.78
CA ARG B 66 9.60 1.28 1.41
C ARG B 66 9.21 1.22 -0.06
N TYR B 67 9.67 0.18 -0.74
CA TYR B 67 9.46 0.05 -2.18
C TYR B 67 8.74 -1.25 -2.49
N TRP B 68 7.69 -1.16 -3.32
CA TRP B 68 6.95 -2.34 -3.75
C TRP B 68 7.13 -2.58 -5.24
N PHE B 69 7.79 -3.69 -5.57
CA PHE B 69 8.01 -4.06 -6.96
C PHE B 69 7.04 -5.17 -7.36
N GLY B 70 6.32 -4.94 -8.45
CA GLY B 70 5.33 -5.92 -8.88
C GLY B 70 5.05 -5.93 -10.37
N ASN B 71 4.05 -6.71 -10.76
CA ASN B 71 3.67 -6.81 -12.16
C ASN B 71 2.30 -6.20 -12.42
N VAL B 72 2.16 -5.55 -13.57
CA VAL B 72 0.86 -5.09 -14.03
C VAL B 72 0.48 -5.87 -15.28
N ASP B 73 -0.49 -6.77 -15.14
CA ASP B 73 -0.94 -7.60 -16.25
C ASP B 73 -2.34 -7.21 -16.70
N ARG B 74 -3.01 -6.37 -15.91
CA ARG B 74 -4.41 -6.03 -16.17
C ARG B 74 -4.84 -4.77 -15.45
N ILE B 75 -5.91 -4.15 -15.94
CA ILE B 75 -6.53 -3.03 -15.24
C ILE B 75 -7.44 -3.53 -14.13
N SER B 76 -7.79 -2.65 -13.21
CA SER B 76 -8.72 -3.00 -12.14
C SER B 76 -10.10 -3.23 -12.73
N PRO B 77 -10.78 -4.30 -12.26
CA PRO B 77 -12.15 -4.60 -12.68
C PRO B 77 -13.16 -3.68 -12.00
N GLU B 78 -12.67 -2.73 -11.22
CA GLU B 78 -13.52 -1.85 -10.44
C GLU B 78 -13.32 -0.39 -10.84
N ALA B 79 -12.20 -0.11 -11.49
CA ALA B 79 -11.82 1.27 -11.83
C ALA B 79 -10.84 1.26 -13.00
N PRO B 80 -10.80 2.35 -13.78
CA PRO B 80 -9.87 2.43 -14.92
C PRO B 80 -8.42 2.62 -14.48
N VAL B 81 -8.00 1.89 -13.45
CA VAL B 81 -6.64 2.00 -12.91
C VAL B 81 -5.95 0.64 -13.00
N PRO B 82 -4.61 0.61 -12.91
CA PRO B 82 -3.93 -0.69 -13.00
C PRO B 82 -4.05 -1.53 -11.72
N VAL B 83 -3.71 -2.81 -11.82
CA VAL B 83 -3.55 -3.67 -10.66
C VAL B 83 -2.10 -4.14 -10.58
N VAL B 84 -1.48 -3.92 -9.43
CA VAL B 84 -0.09 -4.32 -9.24
C VAL B 84 0.01 -5.53 -8.34
N HIS B 85 0.52 -6.63 -8.88
CA HIS B 85 0.78 -7.81 -8.08
C HIS B 85 2.21 -7.77 -7.55
N VAL B 86 2.35 -7.30 -6.32
CA VAL B 86 3.67 -7.12 -5.71
C VAL B 86 4.42 -8.44 -5.52
N GLN B 87 5.67 -8.45 -5.96
CA GLN B 87 6.50 -9.64 -5.87
C GLN B 87 7.66 -9.46 -4.88
N ARG B 88 8.00 -8.21 -4.59
CA ARG B 88 9.20 -7.92 -3.81
C ARG B 88 9.10 -6.60 -3.05
N GLN B 89 9.67 -6.57 -1.85
CA GLN B 89 9.68 -5.36 -1.03
C GLN B 89 11.09 -4.98 -0.57
N GLU B 90 11.46 -3.73 -0.76
CA GLU B 90 12.74 -3.21 -0.29
C GLU B 90 12.53 -2.02 0.65
N GLU B 91 13.46 -1.85 1.58
CA GLU B 91 13.35 -0.80 2.59
C GLU B 91 14.68 -0.11 2.85
N ARG B 92 14.65 1.21 2.96
CA ARG B 92 15.83 2.00 3.30
C ARG B 92 15.47 3.15 4.23
N LEU B 93 16.43 3.61 5.01
CA LEU B 93 16.22 4.75 5.89
C LEU B 93 16.05 6.03 5.07
N GLY B 94 15.14 6.89 5.51
CA GLY B 94 14.86 8.12 4.80
C GLY B 94 14.71 9.33 5.71
N GLY B 95 14.60 10.50 5.10
CA GLY B 95 14.47 11.74 5.86
C GLY B 95 15.71 12.03 6.68
N ALA B 96 15.52 12.32 7.96
CA ALA B 96 16.63 12.61 8.86
C ALA B 96 17.57 11.42 9.01
N ALA B 97 17.02 10.21 8.93
CA ALA B 97 17.82 9.00 9.03
C ALA B 97 18.74 8.84 7.82
N ASN B 98 18.25 9.24 6.65
CA ASN B 98 19.05 9.21 5.44
C ASN B 98 20.23 10.17 5.55
N VAL B 99 19.98 11.33 6.17
CA VAL B 99 21.00 12.32 6.38
C VAL B 99 22.06 11.78 7.33
N ALA B 100 21.61 11.17 8.41
CA ALA B 100 22.51 10.65 9.45
C ALA B 100 23.40 9.53 8.92
N ARG B 101 22.81 8.62 8.14
CA ARG B 101 23.57 7.50 7.60
C ARG B 101 24.60 7.95 6.57
N ASN B 102 24.25 8.97 5.80
CA ASN B 102 25.19 9.55 4.83
C ASN B 102 26.45 10.09 5.51
N ALA B 103 26.30 10.62 6.71
CA ALA B 103 27.44 11.12 7.49
C ALA B 103 28.34 9.99 7.95
N VAL B 104 27.73 8.88 8.33
CA VAL B 104 28.48 7.72 8.83
C VAL B 104 29.27 7.04 7.72
N THR B 105 28.63 6.87 6.56
CA THR B 105 29.30 6.23 5.42
C THR B 105 30.48 7.06 4.94
N LEU B 106 30.40 8.37 5.12
CA LEU B 106 31.49 9.27 4.75
C LEU B 106 32.69 9.13 5.69
N GLY B 107 32.45 8.58 6.87
CA GLY B 107 33.52 8.34 7.82
C GLY B 107 33.36 9.07 9.13
N GLY B 108 32.30 9.86 9.24
CA GLY B 108 32.06 10.64 10.44
C GLY B 108 31.15 9.94 11.44
N GLN B 109 30.87 10.61 12.55
CA GLN B 109 29.97 10.09 13.57
C GLN B 109 28.66 10.87 13.51
N ALA B 110 27.55 10.16 13.70
CA ALA B 110 26.23 10.80 13.61
C ALA B 110 25.27 10.33 14.69
N GLY B 111 24.67 11.29 15.38
CA GLY B 111 23.63 11.01 16.35
C GLY B 111 22.29 11.50 15.83
N LEU B 112 21.28 10.65 15.92
CA LEU B 112 19.97 10.97 15.36
C LEU B 112 18.89 11.17 16.43
N LEU B 113 18.44 12.41 16.57
CA LEU B 113 17.36 12.73 17.50
C LEU B 113 16.06 12.92 16.73
N CYS B 114 15.10 12.04 16.98
CA CYS B 114 13.83 12.08 16.25
C CYS B 114 12.72 11.38 17.02
N VAL B 115 11.50 11.50 16.52
CA VAL B 115 10.34 10.88 17.14
C VAL B 115 9.78 9.78 16.23
N VAL B 116 9.62 8.58 16.79
CA VAL B 116 9.13 7.44 16.02
C VAL B 116 7.92 6.81 16.74
N GLY B 117 6.95 6.35 15.96
CA GLY B 117 5.76 5.74 16.51
C GLY B 117 5.99 4.31 16.96
N CYS B 118 5.00 3.74 17.64
CA CYS B 118 5.08 2.37 18.12
C CYS B 118 4.34 1.42 17.18
N ASP B 119 4.87 1.26 15.97
CA ASP B 119 4.24 0.39 14.96
C ASP B 119 5.27 -0.43 14.20
N GLU B 120 4.81 -1.09 13.14
CA GLU B 120 5.71 -1.89 12.31
C GLU B 120 6.77 -1.05 11.60
N PRO B 121 6.38 0.07 10.95
CA PRO B 121 7.45 0.87 10.34
C PRO B 121 8.40 1.44 11.40
N GLY B 122 7.88 1.68 12.59
CA GLY B 122 8.68 2.19 13.69
C GLY B 122 9.78 1.24 14.10
N GLU B 123 9.42 -0.01 14.33
CA GLU B 123 10.38 -1.03 14.73
C GLU B 123 11.38 -1.31 13.61
N ARG B 124 10.94 -1.12 12.37
CA ARG B 124 11.81 -1.33 11.22
C ARG B 124 12.90 -0.27 11.15
N ILE B 125 12.59 0.94 11.57
CA ILE B 125 13.57 2.01 11.61
C ILE B 125 14.59 1.76 12.72
N VAL B 126 14.11 1.37 13.88
CA VAL B 126 14.96 0.99 15.01
C VAL B 126 15.91 -0.11 14.59
N GLU B 127 15.37 -1.09 13.87
CA GLU B 127 16.13 -2.22 13.36
C GLU B 127 17.21 -1.75 12.38
N LEU B 128 16.83 -0.94 11.42
CA LEU B 128 17.76 -0.46 10.40
C LEU B 128 18.83 0.47 10.97
N LEU B 129 18.45 1.26 11.96
CA LEU B 129 19.40 2.17 12.61
C LEU B 129 20.46 1.42 13.40
N GLY B 130 20.06 0.28 13.96
CA GLY B 130 20.96 -0.53 14.77
C GLY B 130 22.14 -1.07 13.97
N SER B 131 21.95 -1.22 12.67
CA SER B 131 23.01 -1.75 11.81
C SER B 131 23.49 -0.70 10.81
N SER B 132 23.30 0.58 11.14
CA SER B 132 23.67 1.67 10.25
C SER B 132 24.94 2.38 10.71
N GLY B 133 25.17 2.38 12.02
CA GLY B 133 26.33 3.05 12.59
C GLY B 133 25.93 4.35 13.25
N VAL B 134 24.72 4.81 12.95
CA VAL B 134 24.18 6.02 13.55
C VAL B 134 23.77 5.75 15.00
N THR B 135 24.05 6.69 15.89
CA THR B 135 23.67 6.55 17.29
C THR B 135 22.25 7.05 17.50
N PRO B 136 21.30 6.12 17.73
CA PRO B 136 19.88 6.47 17.82
C PRO B 136 19.53 7.15 19.14
N HIS B 137 18.71 8.20 19.06
CA HIS B 137 18.15 8.84 20.22
C HIS B 137 16.67 9.10 19.94
N LEU B 138 15.90 8.02 19.91
CA LEU B 138 14.54 8.08 19.42
C LEU B 138 13.52 8.28 20.55
N GLU B 139 12.66 9.26 20.39
CA GLU B 139 11.51 9.43 21.26
C GLU B 139 10.36 8.62 20.68
N ARG B 140 9.50 8.09 21.54
CA ARG B 140 8.42 7.22 21.09
C ARG B 140 7.04 7.80 21.35
N ASP B 141 6.24 7.90 20.28
CA ASP B 141 4.88 8.42 20.38
C ASP B 141 3.91 7.30 19.99
N PRO B 142 3.14 6.81 20.98
CA PRO B 142 2.19 5.70 20.79
C PRO B 142 1.07 6.04 19.80
N ALA B 143 0.65 7.30 19.78
CA ALA B 143 -0.47 7.72 18.93
C ALA B 143 -0.01 8.17 17.55
N LEU B 144 1.30 8.17 17.32
CA LEU B 144 1.85 8.63 16.05
C LEU B 144 2.12 7.49 15.09
N PRO B 145 1.59 7.61 13.86
CA PRO B 145 1.98 6.68 12.79
C PRO B 145 3.37 7.07 12.29
N THR B 146 4.31 6.13 12.34
CA THR B 146 5.66 6.37 11.86
C THR B 146 5.63 6.77 10.40
N THR B 147 6.27 7.89 10.08
CA THR B 147 6.29 8.39 8.71
C THR B 147 6.90 7.37 7.76
N ILE B 148 6.11 6.97 6.76
CA ILE B 148 6.59 6.01 5.77
C ILE B 148 6.20 6.42 4.35
N LYS B 149 7.18 6.44 3.47
CA LYS B 149 6.96 6.80 2.07
C LYS B 149 6.96 5.53 1.22
N LEU B 150 5.79 5.13 0.76
CA LEU B 150 5.62 3.87 0.05
C LEU B 150 5.58 4.08 -1.46
N ARG B 151 6.59 3.57 -2.15
CA ARG B 151 6.68 3.70 -3.59
C ARG B 151 6.31 2.41 -4.30
N VAL B 152 5.28 2.47 -5.15
CA VAL B 152 4.80 1.29 -5.86
C VAL B 152 5.29 1.29 -7.30
N LEU B 153 6.05 0.28 -7.67
CA LEU B 153 6.64 0.22 -8.99
C LEU B 153 6.19 -0.99 -9.81
N ALA B 154 6.31 -0.85 -11.13
CA ALA B 154 6.03 -1.91 -12.08
C ALA B 154 6.78 -1.63 -13.39
N ARG B 155 7.40 -2.66 -13.96
CA ARG B 155 8.23 -2.52 -15.15
CA ARG B 155 8.23 -2.53 -15.15
C ARG B 155 9.29 -1.43 -14.99
N GLN B 156 9.90 -1.38 -13.82
CA GLN B 156 10.92 -0.37 -13.50
C GLN B 156 10.37 1.05 -13.67
N GLN B 157 9.06 1.18 -13.46
CA GLN B 157 8.37 2.45 -13.63
C GLN B 157 7.45 2.71 -12.44
N GLN B 158 7.63 3.85 -11.79
CA GLN B 158 6.84 4.18 -10.61
C GLN B 158 5.40 4.50 -10.99
N LEU B 159 4.46 4.02 -10.19
CA LEU B 159 3.04 4.20 -10.48
C LEU B 159 2.36 5.13 -9.49
N LEU B 160 2.82 5.09 -8.24
CA LEU B 160 2.21 5.89 -7.18
C LEU B 160 3.10 5.91 -5.94
N ARG B 161 3.04 7.00 -5.19
CA ARG B 161 3.68 7.03 -3.88
C ARG B 161 2.64 7.24 -2.78
N VAL B 162 2.64 6.35 -1.80
CA VAL B 162 1.67 6.40 -0.71
C VAL B 162 2.36 6.86 0.57
N ASP B 163 1.83 7.93 1.17
CA ASP B 163 2.43 8.53 2.34
C ASP B 163 1.59 8.38 3.60
N PHE B 164 2.22 7.94 4.68
CA PHE B 164 1.61 7.94 6.00
C PHE B 164 2.44 8.81 6.92
N GLU B 165 1.81 9.78 7.57
CA GLU B 165 2.50 10.71 8.46
C GLU B 165 1.51 11.54 9.26
N ALA B 166 1.97 12.06 10.40
CA ALA B 166 1.14 12.94 11.23
C ALA B 166 1.98 13.80 12.17
N PRO B 168 3.48 14.72 15.72
CA PRO B 168 3.82 14.15 17.02
C PRO B 168 3.16 14.97 18.12
N THR B 169 2.81 14.33 19.23
CA THR B 169 2.15 15.03 20.33
C THR B 169 3.06 16.10 20.93
N HIS B 170 2.44 17.13 21.50
CA HIS B 170 3.20 18.20 22.13
C HIS B 170 4.03 17.69 23.30
N GLU B 171 3.49 16.69 23.99
CA GLU B 171 4.16 16.09 25.14
C GLU B 171 5.46 15.42 24.73
N VAL B 172 5.39 14.67 23.62
CA VAL B 172 6.54 13.98 23.07
C VAL B 172 7.61 14.99 22.62
N LEU B 173 7.17 16.06 21.96
CA LEU B 173 8.08 17.09 21.47
C LEU B 173 8.85 17.80 22.58
N LEU B 174 8.23 17.90 23.76
CA LEU B 174 8.90 18.49 24.91
C LEU B 174 9.97 17.55 25.46
N ALA B 175 9.66 16.27 25.50
CA ALA B 175 10.60 15.25 25.96
C ALA B 175 11.82 15.20 25.05
N GLY B 176 11.58 15.34 23.75
CA GLY B 176 12.65 15.36 22.78
C GLY B 176 13.50 16.61 22.92
N LEU B 177 12.86 17.72 23.23
CA LEU B 177 13.55 18.99 23.44
C LEU B 177 14.42 18.91 24.68
N ALA B 178 13.95 18.18 25.69
CA ALA B 178 14.70 17.98 26.91
C ALA B 178 15.93 17.12 26.65
N ARG B 179 15.78 16.10 25.81
CA ARG B 179 16.89 15.23 25.46
C ARG B 179 17.91 15.97 24.59
N PHE B 180 17.46 17.02 23.91
CA PHE B 180 18.33 17.82 23.06
C PHE B 180 19.36 18.59 23.89
N ASP B 181 18.91 19.18 25.00
CA ASP B 181 19.79 19.90 25.92
C ASP B 181 20.90 19.01 26.44
N VAL B 182 20.56 17.74 26.63
CA VAL B 182 21.51 16.74 27.10
C VAL B 182 22.51 16.39 25.98
N LEU B 183 21.99 16.21 24.78
CA LEU B 183 22.81 15.75 23.66
C LEU B 183 23.64 16.85 23.02
N LEU B 184 23.24 18.11 23.22
CA LEU B 184 23.90 19.25 22.59
C LEU B 184 25.40 19.35 22.86
N PRO B 185 25.84 19.26 24.13
CA PRO B 185 27.29 19.42 24.34
C PRO B 185 28.10 18.22 23.86
N GLN B 186 27.44 17.15 23.45
CA GLN B 186 28.14 15.93 23.05
C GLN B 186 28.50 15.92 21.57
N HIS B 187 28.14 16.98 20.84
CA HIS B 187 28.41 17.04 19.42
C HIS B 187 29.06 18.36 19.01
N ASP B 188 29.42 18.47 17.74
CA ASP B 188 30.07 19.66 17.21
C ASP B 188 29.12 20.46 16.31
N VAL B 189 28.50 19.77 15.36
CA VAL B 189 27.60 20.40 14.41
C VAL B 189 26.17 19.93 14.63
N VAL B 190 25.22 20.87 14.59
CA VAL B 190 23.81 20.52 14.70
C VAL B 190 23.14 20.62 13.33
N LEU B 191 22.53 19.53 12.90
CA LEU B 191 21.88 19.47 11.58
C LEU B 191 20.36 19.34 11.71
N SER B 193 17.10 18.68 9.96
CA SER B 193 16.51 18.12 8.76
C SER B 193 14.99 18.25 8.80
N ASP B 194 14.47 19.31 8.21
CA ASP B 194 13.04 19.60 8.25
C ASP B 194 12.29 19.05 7.03
N TYR B 195 11.26 18.26 7.29
CA TYR B 195 10.37 17.79 6.24
C TYR B 195 8.92 18.15 6.56
N ALA B 196 8.75 19.08 7.49
CA ALA B 196 7.43 19.57 7.90
C ALA B 196 6.49 18.46 8.39
N LYS B 197 7.02 17.51 9.15
CA LYS B 197 6.19 16.46 9.72
C LYS B 197 5.92 16.75 11.20
N GLY B 198 6.37 17.91 11.66
CA GLY B 198 6.13 18.34 13.02
C GLY B 198 7.24 17.99 14.00
N GLY B 199 8.29 17.34 13.49
CA GLY B 199 9.41 16.95 14.31
C GLY B 199 10.24 18.12 14.79
N LEU B 200 10.33 19.17 13.97
CA LEU B 200 11.09 20.36 14.31
C LEU B 200 10.17 21.52 14.67
N THR B 201 9.18 21.24 15.51
CA THR B 201 8.23 22.24 15.96
C THR B 201 8.94 23.32 16.78
N HIS B 202 9.93 22.90 17.57
CA HIS B 202 10.69 23.84 18.39
C HIS B 202 12.09 24.05 17.82
N VAL B 203 12.17 24.28 16.50
CA VAL B 203 13.46 24.44 15.85
C VAL B 203 14.13 25.76 16.25
N THR B 204 13.33 26.79 16.51
CA THR B 204 13.85 28.11 16.86
C THR B 204 14.59 28.07 18.19
N THR B 205 13.95 27.48 19.18
CA THR B 205 14.53 27.35 20.51
C THR B 205 15.85 26.58 20.44
N ILE B 207 17.84 26.18 17.87
CA ILE B 207 18.86 26.93 17.14
C ILE B 207 19.59 27.88 18.08
N GLU B 208 18.83 28.62 18.88
CA GLU B 208 19.39 29.58 19.82
C GLU B 208 20.31 28.88 20.84
N LYS B 209 19.86 27.74 21.35
CA LYS B 209 20.64 26.99 22.34
C LYS B 209 21.96 26.49 21.78
N ALA B 210 21.98 26.13 20.50
CA ALA B 210 23.20 25.63 19.86
C ALA B 210 24.17 26.75 19.53
N ARG B 211 23.63 27.89 19.08
CA ARG B 211 24.46 29.05 18.76
C ARG B 211 24.99 29.69 20.04
N ALA B 212 24.23 29.57 21.12
CA ALA B 212 24.67 30.08 22.41
C ALA B 212 25.71 29.15 23.03
N ALA B 213 25.83 27.96 22.44
CA ALA B 213 26.82 26.99 22.89
C ALA B 213 28.03 26.97 21.95
N GLY B 214 28.00 27.82 20.94
CA GLY B 214 29.10 27.94 20.00
C GLY B 214 29.10 26.88 18.92
N LYS B 215 28.03 26.09 18.85
CA LYS B 215 27.91 25.04 17.85
C LYS B 215 27.36 25.60 16.54
N ALA B 216 27.83 25.06 15.42
CA ALA B 216 27.36 25.47 14.10
C ALA B 216 26.02 24.80 13.77
N VAL B 217 25.07 25.59 13.29
CA VAL B 217 23.73 25.08 12.99
C VAL B 217 23.45 25.03 11.50
N LEU B 218 23.18 23.83 10.99
CA LEU B 218 22.83 23.66 9.59
C LEU B 218 21.36 23.31 9.45
N VAL B 219 20.68 23.92 8.49
CA VAL B 219 19.25 23.72 8.32
C VAL B 219 18.84 23.33 6.89
N ASP B 220 18.19 22.17 6.77
CA ASP B 220 17.53 21.78 5.53
C ASP B 220 16.09 22.23 5.62
N PRO B 221 15.75 23.33 4.94
CA PRO B 221 14.47 24.02 5.13
C PRO B 221 13.26 23.32 4.51
N LYS B 222 12.08 23.68 5.00
CA LYS B 222 10.82 23.18 4.47
C LYS B 222 9.69 24.08 4.96
N GLY B 223 8.89 24.60 4.04
CA GLY B 223 7.83 25.54 4.40
C GLY B 223 8.15 26.94 3.93
N ASP B 224 7.31 27.90 4.28
CA ASP B 224 7.52 29.29 3.86
C ASP B 224 7.78 30.25 5.00
N ASP B 225 7.82 29.72 6.23
CA ASP B 225 8.00 30.55 7.41
C ASP B 225 9.45 31.04 7.40
N TRP B 226 10.37 30.15 7.73
CA TRP B 226 11.83 30.42 7.69
C TRP B 226 12.28 31.51 8.64
N ALA B 227 11.39 32.01 9.48
CA ALA B 227 11.77 32.95 10.55
C ALA B 227 12.19 32.07 11.70
N ARG B 228 11.71 30.83 11.69
CA ARG B 228 12.08 29.84 12.70
C ARG B 228 13.53 29.41 12.51
N TYR B 229 14.10 29.72 11.35
CA TYR B 229 15.49 29.36 11.06
C TYR B 229 16.44 30.51 11.35
N ARG B 230 16.00 31.44 12.16
CA ARG B 230 16.80 32.63 12.49
C ARG B 230 18.05 32.26 13.27
N GLY B 231 19.20 32.74 12.78
CA GLY B 231 20.46 32.53 13.46
C GLY B 231 21.19 31.28 13.00
N ALA B 232 20.71 30.68 11.92
CA ALA B 232 21.33 29.47 11.39
C ALA B 232 22.66 29.78 10.72
N SER B 233 23.64 28.92 10.93
CA SER B 233 24.96 29.09 10.33
C SER B 233 24.87 28.90 8.81
N LEU B 234 24.16 27.86 8.39
CA LEU B 234 24.01 27.56 6.98
C LEU B 234 22.66 26.93 6.68
N ILE B 235 21.96 27.49 5.69
CA ILE B 235 20.70 26.92 5.25
C ILE B 235 20.85 26.39 3.82
N THR B 236 20.26 25.23 3.54
CA THR B 236 20.48 24.54 2.28
C THR B 236 19.21 24.21 1.51
N PRO B 237 18.57 25.22 0.90
CA PRO B 237 17.34 24.97 0.14
C PRO B 237 17.62 24.54 -1.29
N ASN B 238 16.68 23.85 -1.92
CA ASN B 238 16.71 23.69 -3.36
C ASN B 238 15.92 24.84 -3.99
N ARG B 239 15.80 24.85 -5.31
CA ARG B 239 15.09 25.93 -5.99
C ARG B 239 13.66 26.10 -5.49
N ALA B 240 12.92 25.00 -5.42
CA ALA B 240 11.52 25.02 -4.99
C ALA B 240 11.35 25.58 -3.59
N GLU B 241 12.23 25.16 -2.68
CA GLU B 241 12.16 25.61 -1.29
C GLU B 241 12.51 27.10 -1.14
N LEU B 242 13.51 27.56 -1.90
CA LEU B 242 13.91 28.97 -1.87
C LEU B 242 12.88 29.84 -2.58
N ARG B 243 12.38 29.36 -3.71
CA ARG B 243 11.38 30.07 -4.50
C ARG B 243 10.10 30.30 -3.69
N GLU B 244 9.90 29.49 -2.66
CA GLU B 244 8.71 29.61 -1.82
C GLU B 244 8.77 30.82 -0.90
N VAL B 245 9.96 31.15 -0.42
CA VAL B 245 10.10 32.26 0.54
C VAL B 245 10.48 33.60 -0.09
N VAL B 246 11.13 33.58 -1.24
CA VAL B 246 11.56 34.82 -1.88
C VAL B 246 10.93 35.05 -3.25
N GLY B 247 10.22 34.04 -3.73
CA GLY B 247 9.61 34.12 -5.05
C GLY B 247 10.59 33.76 -6.15
N GLN B 248 10.08 33.69 -7.38
CA GLN B 248 10.93 33.35 -8.52
C GLN B 248 11.79 34.53 -8.94
N TRP B 249 13.10 34.31 -8.97
CA TRP B 249 14.04 35.33 -9.38
C TRP B 249 14.05 35.47 -10.90
N LYS B 250 14.26 36.70 -11.37
CA LYS B 250 14.22 36.99 -12.79
C LYS B 250 15.60 36.90 -13.43
N SER B 251 16.63 36.92 -12.60
CA SER B 251 18.01 36.84 -13.07
C SER B 251 18.94 36.42 -11.94
N GLU B 252 20.21 36.20 -12.27
CA GLU B 252 21.20 35.84 -11.25
C GLU B 252 21.40 36.98 -10.26
N ASP B 253 21.47 38.20 -10.78
CA ASP B 253 21.62 39.38 -9.93
C ASP B 253 20.40 39.55 -9.03
N ASP B 254 19.23 39.23 -9.57
CA ASP B 254 18.00 39.27 -8.78
C ASP B 254 18.05 38.20 -7.69
N LEU B 255 18.44 36.99 -8.07
CA LEU B 255 18.63 35.89 -7.13
C LEU B 255 19.69 36.25 -6.10
N ARG B 256 20.72 36.95 -6.57
CA ARG B 256 21.81 37.41 -5.71
C ARG B 256 21.28 38.36 -4.65
N ALA B 257 20.36 39.24 -5.06
CA ALA B 257 19.80 40.25 -4.17
C ALA B 257 18.82 39.65 -3.17
N ARG B 258 17.92 38.78 -3.65
CA ARG B 258 16.91 38.18 -2.80
C ARG B 258 17.52 37.32 -1.70
N VAL B 259 18.58 36.58 -2.04
CA VAL B 259 19.27 35.77 -1.05
C VAL B 259 19.98 36.64 -0.03
N ALA B 260 20.77 37.61 -0.51
CA ALA B 260 21.50 38.54 0.36
C ALA B 260 20.56 39.28 1.29
N ASN B 261 19.40 39.68 0.75
CA ASN B 261 18.38 40.34 1.55
C ASN B 261 17.77 39.40 2.58
N LEU B 262 17.66 38.11 2.22
CA LEU B 262 17.10 37.12 3.13
C LEU B 262 18.05 36.82 4.29
N ARG B 263 19.34 36.67 4.00
CA ARG B 263 20.34 36.38 5.02
C ARG B 263 20.36 37.47 6.09
N ALA B 264 20.32 38.72 5.64
CA ALA B 264 20.32 39.87 6.54
C ALA B 264 19.07 39.87 7.41
N GLU B 265 17.93 39.60 6.79
CA GLU B 265 16.64 39.61 7.47
C GLU B 265 16.56 38.53 8.55
N LEU B 266 17.13 37.36 8.25
CA LEU B 266 16.99 36.20 9.13
C LEU B 266 18.26 35.90 9.92
N ASP B 267 19.26 36.76 9.79
CA ASP B 267 20.56 36.59 10.44
C ASP B 267 21.19 35.23 10.16
N ILE B 268 21.17 34.83 8.89
CA ILE B 268 21.77 33.58 8.48
C ILE B 268 23.09 33.84 7.75
N ASP B 269 24.16 33.23 8.24
CA ASP B 269 25.51 33.49 7.73
C ASP B 269 25.66 33.14 6.25
N ALA B 270 25.23 31.94 5.88
CA ALA B 270 25.38 31.48 4.51
C ALA B 270 24.16 30.73 4.00
N LEU B 271 23.93 30.82 2.69
CA LEU B 271 22.85 30.08 2.04
C LEU B 271 23.41 29.22 0.91
N LEU B 272 23.01 27.96 0.88
CA LEU B 272 23.50 27.02 -0.11
C LEU B 272 22.36 26.53 -0.99
N LEU B 273 22.27 27.07 -2.20
CA LEU B 273 21.18 26.72 -3.10
C LEU B 273 21.55 25.58 -4.05
N THR B 274 21.05 24.38 -3.77
CA THR B 274 21.25 23.26 -4.67
C THR B 274 20.33 23.44 -5.87
N ARG B 275 20.86 23.27 -7.08
CA ARG B 275 20.08 23.54 -8.28
C ARG B 275 19.91 22.36 -9.23
N SER B 276 19.91 21.16 -8.68
CA SER B 276 19.71 19.95 -9.47
C SER B 276 20.83 19.80 -10.51
N GLU B 277 20.44 19.74 -11.78
CA GLU B 277 21.40 19.56 -12.86
C GLU B 277 22.25 20.81 -13.12
N GLU B 278 21.96 21.88 -12.39
CA GLU B 278 22.73 23.11 -12.48
C GLU B 278 23.80 23.16 -11.39
N GLY B 279 23.87 22.10 -10.59
CA GLY B 279 24.83 22.02 -9.51
C GLY B 279 24.33 22.74 -8.28
N THR B 281 25.07 26.54 -5.56
CA THR B 281 25.72 27.83 -5.35
C THR B 281 25.69 28.21 -3.88
N LEU B 282 26.86 28.61 -3.36
CA LEU B 282 26.97 29.03 -1.97
C LEU B 282 26.98 30.56 -1.89
N PHE B 283 26.10 31.09 -1.05
CA PHE B 283 26.01 32.54 -0.87
C PHE B 283 26.42 32.94 0.55
N SER B 284 27.34 33.88 0.65
CA SER B 284 27.79 34.40 1.94
C SER B 284 28.42 35.77 1.77
N ALA B 285 28.87 36.35 2.88
CA ALA B 285 29.53 37.65 2.85
C ALA B 285 30.88 37.56 2.14
N GLY B 286 31.43 36.36 2.09
CA GLY B 286 32.69 36.12 1.40
C GLY B 286 32.50 35.98 -0.11
N GLY B 287 31.26 36.05 -0.55
CA GLY B 287 30.96 36.00 -1.97
C GLY B 287 30.19 34.77 -2.40
N GLU B 288 30.17 34.52 -3.71
CA GLU B 288 29.44 33.39 -4.27
C GLU B 288 30.38 32.34 -4.86
N LEU B 289 30.07 31.08 -4.62
CA LEU B 289 30.77 29.97 -5.24
C LEU B 289 29.77 29.07 -5.95
N HIS B 290 29.91 28.94 -7.27
CA HIS B 290 29.04 28.08 -8.04
C HIS B 290 29.77 26.83 -8.51
N ALA B 291 29.25 25.68 -8.11
CA ALA B 291 29.79 24.40 -8.54
C ALA B 291 28.81 23.71 -9.48
N PRO B 292 29.25 23.40 -10.70
CA PRO B 292 28.38 22.74 -11.69
C PRO B 292 28.14 21.27 -11.33
N ALA B 293 27.08 20.69 -11.87
CA ALA B 293 26.75 19.30 -11.61
C ALA B 293 27.84 18.37 -12.16
N LEU B 294 28.33 17.46 -11.32
CA LEU B 294 29.42 16.57 -11.70
C LEU B 294 28.94 15.17 -12.11
N ALA B 295 27.65 14.96 -12.00
CA ALA B 295 27.02 13.67 -12.34
C ALA B 295 27.39 13.11 -13.71
N ARG B 296 28.00 11.93 -13.71
CA ARG B 296 28.31 11.22 -14.95
C ARG B 296 27.07 10.51 -15.47
N GLU B 297 26.41 9.77 -14.58
CA GLU B 297 25.18 9.06 -14.90
C GLU B 297 24.10 9.42 -13.88
N VAL B 298 22.94 9.82 -14.37
CA VAL B 298 21.83 10.17 -13.48
C VAL B 298 20.75 9.10 -13.51
N PHE B 299 20.71 8.29 -12.46
CA PHE B 299 19.70 7.23 -12.34
C PHE B 299 18.56 7.67 -11.43
N ASP B 300 18.85 7.79 -10.14
CA ASP B 300 17.86 8.16 -9.15
C ASP B 300 18.36 9.36 -8.35
N VAL B 301 17.59 10.45 -8.39
CA VAL B 301 17.97 11.72 -7.78
C VAL B 301 17.55 11.79 -6.30
N SER B 302 16.42 11.17 -5.98
CA SER B 302 15.80 11.22 -4.64
C SER B 302 16.77 11.11 -3.46
N GLY B 303 16.75 12.14 -2.61
CA GLY B 303 17.57 12.17 -1.42
C GLY B 303 18.94 12.81 -1.59
N ALA B 304 19.20 13.35 -2.78
CA ALA B 304 20.51 13.96 -3.06
C ALA B 304 20.75 15.18 -2.19
N GLY B 305 19.68 15.91 -1.87
CA GLY B 305 19.77 17.04 -0.97
C GLY B 305 20.23 16.64 0.42
N ASP B 306 19.86 15.42 0.84
CA ASP B 306 20.28 14.90 2.12
C ASP B 306 21.78 14.65 2.12
N THR B 307 22.26 14.09 1.02
CA THR B 307 23.68 13.82 0.84
C THR B 307 24.47 15.12 0.88
N VAL B 308 23.93 16.15 0.24
CA VAL B 308 24.58 17.46 0.19
C VAL B 308 24.80 18.04 1.59
N ILE B 309 23.74 18.13 2.38
CA ILE B 309 23.82 18.75 3.69
C ILE B 309 24.55 17.88 4.73
N ALA B 310 24.48 16.56 4.56
CA ALA B 310 25.20 15.65 5.45
C ALA B 310 26.70 15.79 5.23
N THR B 311 27.11 15.85 3.98
CA THR B 311 28.51 16.00 3.63
C THR B 311 29.09 17.30 4.18
N VAL B 312 28.40 18.41 3.94
CA VAL B 312 28.85 19.71 4.46
C VAL B 312 29.01 19.66 5.97
N ALA B 313 28.00 19.13 6.65
CA ALA B 313 28.01 19.05 8.11
C ALA B 313 29.16 18.19 8.63
N THR B 314 29.34 17.01 8.05
CA THR B 314 30.37 16.09 8.52
C THR B 314 31.78 16.60 8.17
N LEU B 316 32.54 20.02 7.95
CA LEU B 316 32.71 21.13 8.88
C LEU B 316 33.06 20.62 10.27
N GLY B 317 32.53 19.46 10.63
CA GLY B 317 32.82 18.84 11.90
C GLY B 317 34.22 18.26 11.93
N ALA B 318 34.83 18.13 10.75
CA ALA B 318 36.20 17.64 10.64
C ALA B 318 37.16 18.80 10.41
N GLY B 319 36.72 20.01 10.70
CA GLY B 319 37.56 21.19 10.59
C GLY B 319 37.70 21.71 9.18
N VAL B 320 37.11 21.01 8.22
CA VAL B 320 37.17 21.41 6.81
C VAL B 320 36.46 22.75 6.60
N PRO B 321 37.13 23.69 5.92
CA PRO B 321 36.55 25.00 5.59
C PRO B 321 35.21 24.87 4.84
N LEU B 322 34.32 25.82 5.04
CA LEU B 322 32.98 25.79 4.46
C LEU B 322 33.01 25.64 2.94
N VAL B 323 33.90 26.40 2.31
CA VAL B 323 34.04 26.38 0.87
C VAL B 323 34.46 25.00 0.36
N ASP B 324 35.40 24.38 1.05
CA ASP B 324 35.88 23.06 0.68
C ASP B 324 34.82 21.99 0.95
N ALA B 325 34.05 22.19 2.01
CA ALA B 325 32.97 21.27 2.36
C ALA B 325 31.91 21.24 1.26
N VAL B 326 31.65 22.41 0.69
CA VAL B 326 30.65 22.56 -0.36
C VAL B 326 31.09 21.83 -1.63
N VAL B 327 32.36 22.01 -2.01
CA VAL B 327 32.91 21.34 -3.18
C VAL B 327 32.81 19.82 -3.05
N LEU B 328 33.13 19.32 -1.86
CA LEU B 328 33.04 17.88 -1.59
C LEU B 328 31.59 17.41 -1.58
N ALA B 329 30.70 18.28 -1.10
CA ALA B 329 29.27 17.97 -1.09
C ALA B 329 28.73 17.80 -2.50
N ASN B 330 29.14 18.69 -3.39
CA ASN B 330 28.71 18.63 -4.78
C ASN B 330 29.27 17.40 -5.48
N ARG B 331 30.44 16.97 -5.05
CA ARG B 331 31.06 15.76 -5.58
C ARG B 331 30.33 14.54 -5.03
N ALA B 332 29.93 14.62 -3.77
CA ALA B 332 29.20 13.53 -3.13
C ALA B 332 27.80 13.38 -3.72
N ALA B 333 27.17 14.52 -3.99
CA ALA B 333 25.84 14.54 -4.61
C ALA B 333 25.91 13.96 -6.00
N GLY B 334 26.92 14.35 -6.76
CA GLY B 334 27.12 13.86 -8.11
C GLY B 334 27.36 12.37 -8.15
N ILE B 335 27.90 11.84 -7.06
CA ILE B 335 28.15 10.42 -6.93
C ILE B 335 26.88 9.67 -6.49
N VAL B 336 26.22 10.18 -5.46
CA VAL B 336 25.05 9.53 -4.91
C VAL B 336 23.88 9.53 -5.90
N VAL B 337 23.96 10.40 -6.90
CA VAL B 337 22.88 10.53 -7.87
C VAL B 337 22.91 9.38 -8.89
N GLY B 338 24.07 8.72 -9.00
CA GLY B 338 24.21 7.58 -9.87
C GLY B 338 23.94 6.25 -9.19
N LYS B 339 23.21 6.30 -8.08
CA LYS B 339 22.82 5.08 -7.37
C LYS B 339 21.31 5.01 -7.22
N LEU B 340 20.79 3.78 -7.19
CA LEU B 340 19.35 3.55 -7.09
C LEU B 340 18.83 3.73 -5.67
N GLY B 341 17.73 4.46 -5.54
CA GLY B 341 17.12 4.70 -4.25
C GLY B 341 17.82 5.79 -3.47
N THR B 342 17.40 5.98 -2.22
CA THR B 342 18.02 6.98 -1.35
C THR B 342 19.31 6.41 -0.76
N ALA B 343 20.34 6.34 -1.60
CA ALA B 343 21.59 5.68 -1.22
C ALA B 343 22.53 6.60 -0.47
N THR B 344 23.73 6.12 -0.22
CA THR B 344 24.75 6.90 0.48
C THR B 344 26.01 7.00 -0.36
N VAL B 345 27.03 7.66 0.18
CA VAL B 345 28.32 7.75 -0.48
C VAL B 345 29.43 7.54 0.54
N ASP B 346 30.28 6.56 0.29
CA ASP B 346 31.34 6.21 1.24
C ASP B 346 32.57 7.08 1.07
N TYR B 347 33.44 7.06 2.08
CA TYR B 347 34.71 7.80 2.05
C TYR B 347 35.52 7.45 0.81
N ASP B 348 35.56 6.15 0.50
CA ASP B 348 36.40 5.65 -0.59
C ASP B 348 35.96 6.16 -1.95
N GLU B 349 34.66 6.40 -2.10
CA GLU B 349 34.13 6.88 -3.37
C GLU B 349 34.37 8.37 -3.58
N LEU B 350 34.22 9.15 -2.52
CA LEU B 350 34.40 10.59 -2.60
C LEU B 350 35.85 10.94 -2.89
N PHE B 351 36.75 10.32 -2.15
CA PHE B 351 38.18 10.45 -2.43
C PHE B 351 38.64 9.21 -3.17
N HIS B 352 39.86 8.75 -2.88
CA HIS B 352 40.38 7.51 -3.44
C HIS B 352 41.48 6.93 -2.56
#